data_1FS1
#
_entry.id   1FS1
#
_cell.length_a   46.540
_cell.length_b   41.600
_cell.length_c   87.230
_cell.angle_alpha   90.00
_cell.angle_beta   93.42
_cell.angle_gamma   90.00
#
_symmetry.space_group_name_H-M   'P 1 21 1'
#
loop_
_entity.id
_entity.type
_entity.pdbx_description
1 polymer 'CYCLIN A/CDK2-ASSOCIATED P19'
2 polymer 'CYCLIN A/CDK2-ASSOCIATED P45'
3 water water
#
loop_
_entity_poly.entity_id
_entity_poly.type
_entity_poly.pdbx_seq_one_letter_code
_entity_poly.pdbx_strand_id
1 'polypeptide(L)' RENFPGVSWDSLPDELLLGIFSCLCLPELLKVSGVCKRWYRLASDESLWQTLD A,C
2 'polypeptide(L)'
;MPSIKLQSSDGEIFEVDVEIAKQSVTIKTMLEDLGMDPVPLPNVNAAILKKVIQWCTHHKDDPPPPEDDENKEKRTDDIP
VWDQEFLKVDQGTLFELILAANYLDIKGLLDVTCKTVANMIKGKTPEEIRKTFNIKNDFTE
;
B,D
#
# COMPACT_ATOMS: atom_id res chain seq x y z
N TRP A 9 7.44 19.14 -19.38
CA TRP A 9 6.98 19.93 -18.20
C TRP A 9 6.16 21.12 -18.62
N ASP A 10 4.90 20.84 -18.96
CA ASP A 10 3.95 21.86 -19.38
C ASP A 10 2.60 21.55 -18.75
N SER A 11 2.47 20.33 -18.22
CA SER A 11 1.23 19.91 -17.59
C SER A 11 1.08 20.55 -16.21
N LEU A 12 2.15 21.19 -15.75
CA LEU A 12 2.09 21.87 -14.47
C LEU A 12 1.55 23.25 -14.71
N PRO A 13 0.54 23.65 -13.95
CA PRO A 13 0.02 24.98 -14.15
C PRO A 13 1.13 25.96 -13.80
N ASP A 14 1.01 27.19 -14.27
CA ASP A 14 2.00 28.23 -14.00
C ASP A 14 2.30 28.35 -12.49
N GLU A 15 1.28 28.21 -11.65
CA GLU A 15 1.50 28.32 -10.20
C GLU A 15 2.59 27.39 -9.70
N LEU A 16 2.53 26.12 -10.13
CA LEU A 16 3.54 25.15 -9.68
C LEU A 16 4.88 25.47 -10.28
N LEU A 17 4.90 25.96 -11.53
CA LEU A 17 6.15 26.32 -12.18
C LEU A 17 6.83 27.44 -11.44
N LEU A 18 6.02 28.40 -10.96
CA LEU A 18 6.57 29.51 -10.20
C LEU A 18 7.02 28.98 -8.82
N GLY A 19 6.38 27.90 -8.35
CA GLY A 19 6.78 27.33 -7.08
C GLY A 19 8.20 26.82 -7.20
N ILE A 20 8.49 26.14 -8.32
CA ILE A 20 9.82 25.61 -8.57
C ILE A 20 10.82 26.77 -8.72
N PHE A 21 10.51 27.69 -9.63
CA PHE A 21 11.38 28.85 -9.90
C PHE A 21 11.66 29.69 -8.67
N SER A 22 10.69 29.81 -7.79
CA SER A 22 10.90 30.58 -6.54
C SER A 22 11.94 29.90 -5.64
N CYS A 23 12.35 28.68 -5.96
CA CYS A 23 13.37 28.06 -5.11
C CYS A 23 14.77 28.53 -5.53
N LEU A 24 14.88 29.08 -6.74
CA LEU A 24 16.16 29.52 -7.31
C LEU A 24 16.66 30.89 -6.80
N CYS A 25 17.97 31.12 -6.89
CA CYS A 25 18.53 32.42 -6.49
C CYS A 25 18.17 33.32 -7.69
N LEU A 26 17.83 34.58 -7.43
CA LEU A 26 17.45 35.50 -8.51
C LEU A 26 18.22 35.42 -9.82
N PRO A 27 19.55 35.51 -9.77
CA PRO A 27 20.32 35.46 -11.01
C PRO A 27 20.10 34.15 -11.78
N GLU A 28 19.67 33.11 -11.06
CA GLU A 28 19.41 31.82 -11.68
C GLU A 28 18.21 31.88 -12.62
N LEU A 29 17.36 32.88 -12.42
CA LEU A 29 16.20 33.04 -13.29
C LEU A 29 16.59 33.39 -14.73
N LEU A 30 17.82 33.89 -14.91
CA LEU A 30 18.30 34.21 -16.24
C LEU A 30 18.39 32.89 -17.01
N LYS A 31 18.75 31.82 -16.32
CA LYS A 31 18.83 30.54 -17.01
C LYS A 31 17.44 30.05 -17.40
N VAL A 32 16.50 30.11 -16.47
CA VAL A 32 15.15 29.65 -16.78
C VAL A 32 14.48 30.48 -17.86
N SER A 33 14.84 31.76 -17.94
CA SER A 33 14.22 32.64 -18.94
C SER A 33 14.60 32.30 -20.38
N GLY A 34 15.76 31.69 -20.59
CA GLY A 34 16.17 31.35 -21.94
C GLY A 34 15.77 29.94 -22.35
N VAL A 35 15.14 29.21 -21.45
CA VAL A 35 14.74 27.83 -21.75
C VAL A 35 13.54 27.74 -22.65
N CYS A 36 12.47 28.37 -22.20
CA CYS A 36 11.21 28.26 -22.88
C CYS A 36 10.45 29.59 -22.86
N LYS A 37 9.50 29.78 -23.77
CA LYS A 37 8.73 31.02 -23.79
C LYS A 37 7.86 31.08 -22.54
N ARG A 38 7.31 29.94 -22.12
CA ARG A 38 6.51 29.93 -20.91
C ARG A 38 7.43 30.28 -19.75
N TRP A 39 8.60 29.68 -19.76
CA TRP A 39 9.59 29.90 -18.71
C TRP A 39 10.05 31.35 -18.74
N TYR A 40 10.25 31.86 -19.96
CA TYR A 40 10.65 33.22 -20.17
C TYR A 40 9.53 34.07 -19.62
N ARG A 41 8.30 33.74 -20.00
CA ARG A 41 7.14 34.50 -19.52
C ARG A 41 7.01 34.40 -18.00
N LEU A 42 7.13 33.21 -17.43
CA LEU A 42 6.99 33.08 -15.98
C LEU A 42 8.16 33.62 -15.16
N ALA A 43 9.36 33.57 -15.71
CA ALA A 43 10.53 34.06 -14.95
C ALA A 43 10.51 35.54 -14.58
N SER A 44 9.81 36.33 -15.38
CA SER A 44 9.71 37.76 -15.13
C SER A 44 8.55 38.00 -14.22
N ASP A 45 7.90 36.94 -13.75
CA ASP A 45 6.75 37.22 -12.92
C ASP A 45 6.97 38.14 -11.70
N GLU A 46 6.09 39.15 -11.55
CA GLU A 46 6.13 40.18 -10.49
C GLU A 46 6.34 39.58 -9.14
N SER A 47 5.93 38.34 -8.98
CA SER A 47 6.03 37.77 -7.67
C SER A 47 7.37 37.11 -7.32
N LEU A 48 8.24 36.95 -8.31
CA LEU A 48 9.55 36.32 -8.10
C LEU A 48 10.66 37.32 -7.76
N TRP A 49 10.30 38.60 -7.70
CA TRP A 49 11.29 39.62 -7.38
C TRP A 49 10.85 40.47 -6.21
N PRO B 2 -6.43 3.16 12.77
CA PRO B 2 -7.69 2.95 11.99
C PRO B 2 -7.31 3.20 10.54
N SER B 3 -8.00 2.53 9.62
CA SER B 3 -7.69 2.69 8.22
C SER B 3 -8.93 3.09 7.44
N ILE B 4 -8.69 3.76 6.33
CA ILE B 4 -9.75 4.14 5.45
C ILE B 4 -9.28 3.78 4.06
N LYS B 5 -10.24 3.65 3.17
CA LYS B 5 -9.89 3.32 1.79
C LYS B 5 -9.74 4.55 0.92
N LEU B 6 -8.66 4.61 0.13
CA LEU B 6 -8.48 5.67 -0.85
C LEU B 6 -8.57 4.90 -2.19
N GLN B 7 -9.22 5.54 -3.14
CA GLN B 7 -9.39 4.96 -4.44
C GLN B 7 -8.74 5.84 -5.48
N SER B 8 -7.74 5.27 -6.18
CA SER B 8 -7.02 5.99 -7.21
C SER B 8 -7.89 6.23 -8.41
N SER B 9 -7.38 7.06 -9.32
CA SER B 9 -8.15 7.45 -10.50
C SER B 9 -8.37 6.23 -11.35
N ASP B 10 -7.43 5.29 -11.28
CA ASP B 10 -7.56 4.09 -12.06
C ASP B 10 -8.23 2.89 -11.40
N GLY B 11 -8.90 3.18 -10.30
CA GLY B 11 -9.69 2.18 -9.57
C GLY B 11 -9.09 1.31 -8.48
N GLU B 12 -7.79 1.46 -8.21
CA GLU B 12 -7.14 0.63 -7.21
C GLU B 12 -7.44 1.20 -5.83
N ILE B 13 -7.74 0.30 -4.91
CA ILE B 13 -8.03 0.70 -3.53
C ILE B 13 -6.78 0.59 -2.70
N PHE B 14 -6.54 1.59 -1.84
CA PHE B 14 -5.40 1.56 -0.95
C PHE B 14 -5.96 1.69 0.44
N GLU B 15 -5.65 0.73 1.31
CA GLU B 15 -6.10 0.78 2.69
C GLU B 15 -4.99 1.61 3.33
N VAL B 16 -5.34 2.78 3.86
CA VAL B 16 -4.30 3.64 4.41
C VAL B 16 -4.64 4.03 5.82
N ASP B 17 -3.59 4.32 6.58
CA ASP B 17 -3.79 4.70 7.96
C ASP B 17 -4.49 6.08 7.87
N VAL B 18 -5.59 6.23 8.61
CA VAL B 18 -6.37 7.48 8.59
C VAL B 18 -5.51 8.66 8.96
N GLU B 19 -4.36 8.39 9.56
CA GLU B 19 -3.46 9.47 9.95
C GLU B 19 -2.94 10.22 8.76
N ILE B 20 -3.09 9.65 7.56
CA ILE B 20 -2.61 10.36 6.39
C ILE B 20 -3.37 11.70 6.26
N ALA B 21 -4.58 11.76 6.80
CA ALA B 21 -5.39 12.98 6.76
C ALA B 21 -4.57 14.15 7.32
N LYS B 22 -3.77 13.83 8.33
CA LYS B 22 -2.89 14.80 8.96
C LYS B 22 -1.91 15.39 7.99
N GLN B 23 -1.76 14.76 6.82
CA GLN B 23 -0.85 15.26 5.84
C GLN B 23 -1.56 15.74 4.58
N SER B 24 -2.65 15.08 4.18
CA SER B 24 -3.41 15.55 3.01
C SER B 24 -4.70 16.30 3.39
N VAL B 25 -4.70 17.61 3.24
CA VAL B 25 -5.90 18.34 3.57
C VAL B 25 -7.07 17.93 2.67
N THR B 26 -6.75 17.58 1.43
CA THR B 26 -7.79 17.16 0.50
C THR B 26 -8.46 15.90 0.98
N ILE B 27 -7.66 14.91 1.41
CA ILE B 27 -8.28 13.69 1.89
C ILE B 27 -9.06 13.98 3.19
N LYS B 28 -8.47 14.84 4.04
CA LYS B 28 -9.11 15.19 5.29
C LYS B 28 -10.50 15.77 5.01
N THR B 29 -10.60 16.71 4.08
CA THR B 29 -11.91 17.27 3.81
C THR B 29 -12.89 16.21 3.39
N MET B 30 -12.46 15.32 2.51
CA MET B 30 -13.34 14.29 2.00
C MET B 30 -13.79 13.31 3.04
N LEU B 31 -12.88 13.00 3.94
CA LEU B 31 -13.16 12.10 5.02
C LEU B 31 -14.16 12.73 5.96
N GLU B 32 -13.80 13.91 6.48
CA GLU B 32 -14.62 14.59 7.46
C GLU B 32 -15.86 15.27 6.94
N ASP B 33 -15.70 16.04 5.89
CA ASP B 33 -16.80 16.80 5.35
C ASP B 33 -17.78 16.06 4.45
N LEU B 34 -17.49 14.84 4.04
CA LEU B 34 -18.45 14.15 3.19
C LEU B 34 -18.81 12.77 3.73
N GLY B 35 -17.81 11.97 3.96
CA GLY B 35 -18.04 10.64 4.43
C GLY B 35 -17.18 9.90 3.44
N MET B 36 -17.75 9.57 2.29
CA MET B 36 -16.99 8.90 1.27
C MET B 36 -16.25 7.79 1.97
N ASP B 37 -16.84 6.63 2.10
CA ASP B 37 -16.12 5.55 2.77
C ASP B 37 -14.92 5.41 1.83
N PRO B 38 -15.17 4.95 0.61
CA PRO B 38 -14.00 4.86 -0.27
C PRO B 38 -13.78 6.32 -0.66
N VAL B 39 -12.64 6.92 -0.35
CA VAL B 39 -12.36 8.29 -0.74
C VAL B 39 -11.84 8.30 -2.19
N PRO B 40 -12.63 8.82 -3.11
CA PRO B 40 -12.20 8.84 -4.52
C PRO B 40 -11.18 9.99 -4.79
N LEU B 41 -10.08 9.68 -5.44
CA LEU B 41 -9.06 10.70 -5.76
C LEU B 41 -8.95 10.61 -7.30
N PRO B 42 -9.87 11.24 -8.01
CA PRO B 42 -9.83 11.19 -9.48
C PRO B 42 -8.61 11.78 -10.14
N ASN B 43 -7.84 12.60 -9.42
CA ASN B 43 -6.65 13.22 -10.04
C ASN B 43 -5.32 12.53 -9.78
N VAL B 44 -5.34 11.38 -9.13
CA VAL B 44 -4.11 10.69 -8.84
C VAL B 44 -4.20 9.22 -9.20
N ASN B 45 -3.23 8.75 -9.98
CA ASN B 45 -3.25 7.34 -10.36
C ASN B 45 -2.59 6.47 -9.28
N ALA B 46 -2.85 5.16 -9.34
CA ALA B 46 -2.34 4.23 -8.33
C ALA B 46 -0.83 4.30 -8.13
N ALA B 47 -0.05 4.38 -9.22
CA ALA B 47 1.40 4.42 -9.14
C ALA B 47 1.88 5.64 -8.33
N ILE B 48 1.33 6.79 -8.66
CA ILE B 48 1.76 7.97 -7.95
C ILE B 48 1.14 7.95 -6.54
N LEU B 49 -0.11 7.48 -6.39
CA LEU B 49 -0.73 7.44 -5.06
C LEU B 49 0.06 6.59 -4.10
N LYS B 50 0.52 5.43 -4.57
CA LYS B 50 1.31 4.57 -3.74
C LYS B 50 2.56 5.32 -3.24
N LYS B 51 3.24 6.03 -4.16
CA LYS B 51 4.46 6.76 -3.79
C LYS B 51 4.10 7.86 -2.76
N VAL B 52 3.00 8.57 -3.01
CA VAL B 52 2.56 9.61 -2.06
C VAL B 52 2.31 8.99 -0.67
N ILE B 53 1.56 7.88 -0.62
CA ILE B 53 1.33 7.19 0.63
C ILE B 53 2.64 6.76 1.24
N GLN B 54 3.59 6.29 0.44
CA GLN B 54 4.89 5.88 0.98
C GLN B 54 5.59 7.05 1.64
N TRP B 55 5.53 8.22 0.98
CA TRP B 55 6.20 9.45 1.53
C TRP B 55 5.48 9.89 2.79
N CYS B 56 4.15 9.81 2.81
CA CYS B 56 3.43 10.21 4.02
C CYS B 56 3.76 9.25 5.17
N THR B 57 3.80 7.96 4.86
CA THR B 57 4.06 6.96 5.90
C THR B 57 5.40 7.26 6.54
N HIS B 58 6.41 7.46 5.71
CA HIS B 58 7.72 7.79 6.22
C HIS B 58 7.71 9.08 7.05
N HIS B 59 6.96 10.07 6.59
CA HIS B 59 6.88 11.38 7.25
C HIS B 59 5.82 11.59 8.31
N LYS B 60 5.09 10.53 8.67
CA LYS B 60 4.00 10.63 9.64
C LYS B 60 4.45 11.08 11.02
N ASP B 61 5.72 10.88 11.32
CA ASP B 61 6.26 11.22 12.63
C ASP B 61 6.94 12.57 12.68
N ASP B 62 6.82 13.37 11.63
CA ASP B 62 7.46 14.68 11.60
C ASP B 62 6.67 15.62 12.48
N PRO B 80 15.97 16.83 3.23
CA PRO B 80 16.32 15.64 4.04
C PRO B 80 16.91 14.52 3.17
N VAL B 81 17.89 13.80 3.70
CA VAL B 81 18.52 12.74 2.94
C VAL B 81 17.62 11.57 2.48
N TRP B 82 16.63 11.18 3.28
CA TRP B 82 15.74 10.10 2.88
C TRP B 82 14.94 10.59 1.67
N ASP B 83 14.48 11.82 1.77
CA ASP B 83 13.73 12.44 0.68
C ASP B 83 14.57 12.48 -0.57
N GLN B 84 15.87 12.81 -0.44
CA GLN B 84 16.71 12.88 -1.63
C GLN B 84 16.73 11.54 -2.31
N GLU B 85 16.83 10.47 -1.53
CA GLU B 85 16.83 9.12 -2.09
C GLU B 85 15.45 8.82 -2.69
N PHE B 86 14.40 9.13 -1.95
CA PHE B 86 13.02 8.88 -2.42
C PHE B 86 12.72 9.58 -3.72
N LEU B 87 13.23 10.80 -3.86
CA LEU B 87 12.96 11.57 -5.06
C LEU B 87 13.94 11.35 -6.16
N LYS B 88 14.88 10.42 -5.95
CA LYS B 88 15.88 10.10 -6.95
C LYS B 88 15.17 9.14 -7.89
N VAL B 89 14.18 9.67 -8.59
CA VAL B 89 13.40 8.87 -9.51
C VAL B 89 13.16 9.62 -10.77
N ASP B 90 12.58 8.88 -11.71
CA ASP B 90 12.19 9.35 -13.02
C ASP B 90 11.60 10.77 -13.03
N GLN B 91 12.04 11.60 -13.98
CA GLN B 91 11.55 12.98 -14.11
C GLN B 91 10.04 13.19 -14.31
N GLY B 92 9.40 12.35 -15.12
CA GLY B 92 7.97 12.51 -15.29
C GLY B 92 7.23 12.17 -13.99
N THR B 93 7.83 11.30 -13.20
CA THR B 93 7.29 10.83 -11.93
C THR B 93 7.38 11.95 -10.93
N LEU B 94 8.46 12.72 -11.08
CA LEU B 94 8.74 13.83 -10.22
C LEU B 94 7.69 14.87 -10.48
N PHE B 95 7.35 15.04 -11.75
CA PHE B 95 6.34 15.97 -12.21
C PHE B 95 4.96 15.51 -11.69
N GLU B 96 4.72 14.22 -11.76
CA GLU B 96 3.42 13.71 -11.28
C GLU B 96 3.31 13.88 -9.78
N LEU B 97 4.41 13.69 -9.06
CA LEU B 97 4.40 13.87 -7.59
C LEU B 97 4.08 15.30 -7.22
N ILE B 98 4.65 16.28 -7.95
CA ILE B 98 4.36 17.68 -7.70
C ILE B 98 2.87 17.89 -7.90
N LEU B 99 2.32 17.39 -9.01
CA LEU B 99 0.89 17.57 -9.23
C LEU B 99 0.07 16.90 -8.13
N ALA B 100 0.46 15.68 -7.75
CA ALA B 100 -0.33 15.00 -6.75
C ALA B 100 -0.21 15.69 -5.39
N ALA B 101 0.98 16.16 -5.02
CA ALA B 101 1.12 16.86 -3.71
C ALA B 101 0.22 18.09 -3.72
N ASN B 102 0.15 18.76 -4.87
CA ASN B 102 -0.68 19.96 -4.99
C ASN B 102 -2.16 19.59 -4.85
N TYR B 103 -2.59 18.58 -5.62
CA TYR B 103 -3.97 18.11 -5.59
C TYR B 103 -4.41 17.67 -4.21
N LEU B 104 -3.55 16.89 -3.56
CA LEU B 104 -3.83 16.33 -2.23
C LEU B 104 -3.55 17.32 -1.09
N ASP B 105 -2.90 18.40 -1.47
CA ASP B 105 -2.48 19.50 -0.58
C ASP B 105 -1.63 18.93 0.52
N ILE B 106 -0.47 18.41 0.16
CA ILE B 106 0.48 17.84 1.14
C ILE B 106 1.67 18.78 0.95
N LYS B 107 1.61 19.86 1.71
CA LYS B 107 2.63 20.91 1.60
C LYS B 107 4.09 20.46 1.62
N GLY B 108 4.46 19.62 2.58
CA GLY B 108 5.85 19.16 2.67
C GLY B 108 6.36 18.36 1.49
N LEU B 109 5.46 17.61 0.86
CA LEU B 109 5.81 16.81 -0.30
C LEU B 109 5.99 17.76 -1.48
N LEU B 110 5.06 18.69 -1.59
CA LEU B 110 5.12 19.69 -2.65
C LEU B 110 6.43 20.45 -2.56
N ASP B 111 6.76 20.92 -1.36
CA ASP B 111 7.97 21.71 -1.16
C ASP B 111 9.27 21.00 -1.51
N VAL B 112 9.43 19.75 -1.07
CA VAL B 112 10.67 19.07 -1.36
C VAL B 112 10.72 18.64 -2.81
N THR B 113 9.58 18.38 -3.43
CA THR B 113 9.65 18.01 -4.83
C THR B 113 9.96 19.25 -5.71
N CYS B 114 9.47 20.42 -5.34
CA CYS B 114 9.81 21.56 -6.19
C CYS B 114 11.27 21.92 -6.01
N LYS B 115 11.81 21.80 -4.79
CA LYS B 115 13.23 22.09 -4.55
C LYS B 115 14.11 21.11 -5.31
N THR B 116 13.64 19.86 -5.39
CA THR B 116 14.37 18.83 -6.08
C THR B 116 14.50 19.22 -7.55
N VAL B 117 13.40 19.74 -8.11
CA VAL B 117 13.39 20.13 -9.51
C VAL B 117 14.28 21.37 -9.68
N ALA B 118 14.18 22.32 -8.76
CA ALA B 118 15.00 23.53 -8.84
C ALA B 118 16.49 23.16 -8.83
N ASN B 119 16.87 22.15 -8.04
CA ASN B 119 18.27 21.71 -7.98
C ASN B 119 18.75 21.10 -9.30
N MET B 120 17.83 20.71 -10.18
CA MET B 120 18.21 20.16 -11.47
C MET B 120 18.37 21.30 -12.46
N ILE B 121 17.81 22.44 -12.10
CA ILE B 121 17.89 23.63 -12.95
C ILE B 121 19.17 24.38 -12.58
N LYS B 122 19.38 24.51 -11.27
CA LYS B 122 20.51 25.21 -10.71
C LYS B 122 21.85 24.68 -11.23
N GLY B 123 22.75 25.58 -11.59
CA GLY B 123 24.04 25.16 -12.08
C GLY B 123 24.06 24.69 -13.53
N LYS B 124 22.91 24.72 -14.20
CA LYS B 124 22.84 24.29 -15.59
C LYS B 124 22.52 25.44 -16.54
N THR B 125 22.74 25.21 -17.83
CA THR B 125 22.48 26.20 -18.85
C THR B 125 21.15 25.88 -19.51
N PRO B 126 20.50 26.90 -20.08
CA PRO B 126 19.21 26.63 -20.73
C PRO B 126 19.21 25.39 -21.64
N GLU B 127 20.33 25.09 -22.30
CA GLU B 127 20.39 23.93 -23.17
C GLU B 127 20.13 22.63 -22.42
N GLU B 128 20.93 22.36 -21.40
CA GLU B 128 20.76 21.15 -20.61
C GLU B 128 19.31 21.11 -20.13
N ILE B 129 18.93 22.14 -19.38
CA ILE B 129 17.58 22.26 -18.85
C ILE B 129 16.52 21.82 -19.86
N ARG B 130 16.60 22.36 -21.08
CA ARG B 130 15.64 22.00 -22.14
C ARG B 130 15.67 20.49 -22.38
N LYS B 131 16.87 19.95 -22.41
CA LYS B 131 17.09 18.54 -22.68
C LYS B 131 16.64 17.66 -21.52
N THR B 132 17.18 17.88 -20.33
CA THR B 132 16.82 17.07 -19.18
C THR B 132 15.30 16.99 -18.98
N PHE B 133 14.62 18.13 -19.12
CA PHE B 133 13.16 18.11 -18.96
C PHE B 133 12.45 17.92 -20.28
N ASN B 134 13.23 17.67 -21.33
CA ASN B 134 12.65 17.47 -22.65
C ASN B 134 11.83 16.20 -22.68
N TRP C 9 -7.32 -26.82 -2.53
CA TRP C 9 -6.66 -27.37 -1.31
C TRP C 9 -5.43 -28.16 -1.69
N ASP C 10 -5.18 -28.26 -2.98
CA ASP C 10 -4.02 -29.03 -3.42
C ASP C 10 -2.74 -28.64 -2.66
N SER C 11 -2.74 -27.50 -1.97
CA SER C 11 -1.51 -27.06 -1.27
C SER C 11 -1.46 -26.78 0.24
N LEU C 12 -2.57 -26.41 0.87
CA LEU C 12 -2.50 -26.15 2.31
C LEU C 12 -1.83 -27.26 3.10
N PRO C 13 -0.88 -26.91 3.97
CA PRO C 13 -0.24 -27.97 4.75
C PRO C 13 -1.25 -28.43 5.83
N ASP C 14 -1.26 -29.75 6.06
CA ASP C 14 -2.20 -30.39 6.99
C ASP C 14 -2.34 -29.61 8.27
N GLU C 15 -1.27 -28.97 8.71
CA GLU C 15 -1.39 -28.20 9.93
C GLU C 15 -2.43 -27.08 9.68
N LEU C 16 -2.48 -26.53 8.47
CA LEU C 16 -3.46 -25.48 8.17
C LEU C 16 -4.88 -26.06 8.01
N LEU C 17 -4.99 -27.30 7.58
CA LEU C 17 -6.34 -27.86 7.48
C LEU C 17 -6.92 -28.02 8.87
N LEU C 18 -6.08 -28.43 9.83
CA LEU C 18 -6.53 -28.63 11.20
C LEU C 18 -7.00 -27.32 11.77
N GLY C 19 -6.32 -26.25 11.36
CA GLY C 19 -6.71 -24.93 11.81
C GLY C 19 -8.11 -24.63 11.32
N ILE C 20 -8.41 -24.97 10.07
CA ILE C 20 -9.77 -24.75 9.57
C ILE C 20 -10.79 -25.63 10.33
N PHE C 21 -10.50 -26.93 10.41
CA PHE C 21 -11.38 -27.86 11.11
C PHE C 21 -11.60 -27.50 12.58
N SER C 22 -10.58 -26.91 13.23
CA SER C 22 -10.68 -26.51 14.63
C SER C 22 -11.80 -25.52 14.85
N CYS C 23 -12.15 -24.78 13.80
CA CYS C 23 -13.24 -23.81 13.91
C CYS C 23 -14.63 -24.43 13.88
N LEU C 24 -14.70 -25.72 13.58
CA LEU C 24 -16.00 -26.37 13.51
C LEU C 24 -16.38 -26.97 14.87
N CYS C 25 -17.66 -26.95 15.19
CA CYS C 25 -18.08 -27.55 16.44
C CYS C 25 -17.96 -29.04 16.12
N LEU C 26 -17.52 -29.82 17.11
CA LEU C 26 -17.29 -31.24 16.94
C LEU C 26 -18.21 -32.05 16.02
N PRO C 27 -19.53 -32.02 16.24
CA PRO C 27 -20.42 -32.79 15.37
C PRO C 27 -20.16 -32.55 13.89
N GLU C 28 -19.67 -31.35 13.59
CA GLU C 28 -19.36 -30.94 12.23
C GLU C 28 -18.23 -31.76 11.60
N LEU C 29 -17.31 -32.24 12.41
CA LEU C 29 -16.20 -33.03 11.89
C LEU C 29 -16.65 -34.29 11.16
N LEU C 30 -17.86 -34.77 11.45
CA LEU C 30 -18.40 -35.98 10.79
C LEU C 30 -18.52 -35.65 9.30
N LYS C 31 -18.91 -34.41 9.01
CA LYS C 31 -19.05 -33.99 7.65
C LYS C 31 -17.68 -33.99 6.99
N VAL C 32 -16.75 -33.31 7.62
CA VAL C 32 -15.40 -33.23 7.10
C VAL C 32 -14.84 -34.62 6.85
N SER C 33 -15.01 -35.53 7.82
CA SER C 33 -14.44 -36.87 7.63
C SER C 33 -14.97 -37.60 6.43
N GLY C 34 -16.20 -37.27 6.03
CA GLY C 34 -16.78 -37.91 4.88
C GLY C 34 -16.48 -37.27 3.53
N VAL C 35 -15.51 -36.36 3.48
CA VAL C 35 -15.19 -35.65 2.23
C VAL C 35 -14.14 -36.39 1.41
N CYS C 36 -13.04 -36.73 2.03
CA CYS C 36 -12.01 -37.47 1.33
C CYS C 36 -10.96 -38.05 2.25
N LYS C 37 -10.04 -38.77 1.63
CA LYS C 37 -8.93 -39.46 2.30
C LYS C 37 -8.23 -38.63 3.36
N ARG C 38 -7.66 -37.50 2.96
CA ARG C 38 -6.94 -36.63 3.89
C ARG C 38 -7.81 -36.14 5.03
N TRP C 39 -8.97 -35.61 4.66
CA TRP C 39 -9.89 -35.06 5.65
C TRP C 39 -10.25 -36.09 6.70
N TYR C 40 -10.50 -37.32 6.29
CA TYR C 40 -10.82 -38.34 7.26
C TYR C 40 -9.63 -38.51 8.26
N ARG C 41 -8.40 -38.59 7.74
CA ARG C 41 -7.22 -38.75 8.61
C ARG C 41 -7.05 -37.58 9.60
N LEU C 42 -7.17 -36.34 9.11
CA LEU C 42 -7.00 -35.16 9.96
C LEU C 42 -8.14 -34.95 10.91
N ALA C 43 -9.36 -35.32 10.47
CA ALA C 43 -10.53 -35.15 11.32
C ALA C 43 -10.34 -35.95 12.58
N SER C 44 -9.59 -37.04 12.46
CA SER C 44 -9.29 -37.95 13.58
C SER C 44 -8.09 -37.44 14.39
N ASP C 45 -7.70 -36.18 14.23
CA ASP C 45 -6.51 -35.64 14.91
C ASP C 45 -6.57 -35.52 16.41
N GLU C 46 -5.55 -36.08 17.06
CA GLU C 46 -5.49 -36.03 18.50
C GLU C 46 -5.94 -34.64 18.94
N SER C 47 -5.32 -33.60 18.38
CA SER C 47 -5.61 -32.22 18.80
C SER C 47 -7.06 -31.76 18.74
N LEU C 48 -7.95 -32.53 18.13
CA LEU C 48 -9.35 -32.09 18.07
C LEU C 48 -10.23 -32.75 19.12
N TRP C 49 -9.78 -33.88 19.65
CA TRP C 49 -10.50 -34.67 20.64
C TRP C 49 -9.78 -35.10 21.93
N PRO D 2 7.97 4.99 12.11
CA PRO D 2 9.12 4.36 11.41
C PRO D 2 8.54 3.48 10.35
N SER D 3 9.31 3.25 9.29
CA SER D 3 8.75 2.41 8.26
C SER D 3 9.83 1.61 7.62
N ILE D 4 9.39 0.52 7.00
CA ILE D 4 10.34 -0.32 6.38
C ILE D 4 9.82 -0.74 5.03
N LYS D 5 10.73 -1.16 4.18
CA LYS D 5 10.33 -1.64 2.87
C LYS D 5 10.23 -3.15 2.89
N LEU D 6 9.13 -3.66 2.35
CA LEU D 6 8.91 -5.08 2.25
C LEU D 6 8.98 -5.32 0.74
N GLN D 7 9.65 -6.37 0.35
CA GLN D 7 9.82 -6.70 -1.05
C GLN D 7 9.19 -8.03 -1.37
N SER D 8 8.23 -8.03 -2.26
CA SER D 8 7.55 -9.27 -2.61
C SER D 8 8.48 -10.15 -3.47
N SER D 9 8.07 -11.39 -3.65
CA SER D 9 8.90 -12.34 -4.38
C SER D 9 9.15 -11.85 -5.79
N ASP D 10 8.19 -11.08 -6.32
CA ASP D 10 8.24 -10.55 -7.68
C ASP D 10 8.69 -9.10 -7.74
N GLY D 11 9.34 -8.67 -6.67
CA GLY D 11 10.01 -7.39 -6.62
C GLY D 11 9.34 -6.09 -6.28
N GLU D 12 8.02 -6.12 -6.07
CA GLU D 12 7.35 -4.87 -5.75
C GLU D 12 7.78 -4.51 -4.34
N ILE D 13 8.04 -3.24 -4.15
CA ILE D 13 8.43 -2.75 -2.85
C ILE D 13 7.25 -2.04 -2.22
N PHE D 14 7.01 -2.34 -0.94
CA PHE D 14 5.95 -1.68 -0.20
C PHE D 14 6.58 -1.02 1.01
N GLU D 15 6.36 0.29 1.13
CA GLU D 15 6.82 1.07 2.25
C GLU D 15 5.70 0.82 3.29
N VAL D 16 6.06 0.23 4.42
CA VAL D 16 5.06 -0.09 5.44
C VAL D 16 5.41 0.42 6.82
N ASP D 17 4.42 0.96 7.51
CA ASP D 17 4.63 1.42 8.91
C ASP D 17 5.06 0.17 9.71
N VAL D 18 6.11 0.27 10.51
CA VAL D 18 6.54 -0.90 11.29
C VAL D 18 5.39 -1.31 12.23
N GLU D 19 4.50 -0.39 12.56
CA GLU D 19 3.42 -0.76 13.48
C GLU D 19 2.41 -1.69 12.77
N ILE D 20 2.41 -1.59 11.46
CA ILE D 20 1.52 -2.38 10.65
C ILE D 20 2.21 -3.71 10.32
N ALA D 21 3.46 -3.61 9.89
CA ALA D 21 4.25 -4.78 9.51
C ALA D 21 4.45 -5.75 10.63
N LYS D 22 4.58 -5.21 11.85
CA LYS D 22 4.83 -5.99 13.07
C LYS D 22 3.77 -7.07 13.47
N GLN D 23 2.63 -7.09 12.79
CA GLN D 23 1.62 -8.11 13.13
C GLN D 23 2.08 -9.44 12.56
N SER D 24 3.08 -9.34 11.71
CA SER D 24 3.72 -10.52 11.15
C SER D 24 4.81 -10.71 12.20
N VAL D 25 4.68 -11.73 13.04
CA VAL D 25 5.67 -11.92 14.11
C VAL D 25 7.09 -12.00 13.58
N THR D 26 7.25 -12.64 12.44
CA THR D 26 8.56 -12.81 11.84
C THR D 26 9.12 -11.49 11.28
N ILE D 27 8.30 -10.71 10.57
CA ILE D 27 8.81 -9.46 10.05
C ILE D 27 9.16 -8.56 11.24
N LYS D 28 8.38 -8.66 12.30
CA LYS D 28 8.62 -7.84 13.50
C LYS D 28 10.06 -8.02 14.01
N THR D 29 10.48 -9.27 14.11
CA THR D 29 11.84 -9.55 14.57
C THR D 29 12.91 -9.10 13.59
N MET D 30 12.62 -9.26 12.30
CA MET D 30 13.60 -8.84 11.28
C MET D 30 13.83 -7.32 11.25
N LEU D 31 12.75 -6.58 11.43
CA LEU D 31 12.80 -5.12 11.37
C LEU D 31 13.42 -4.58 12.66
N GLU D 32 12.94 -5.06 13.80
CA GLU D 32 13.40 -4.56 15.10
C GLU D 32 14.75 -5.08 15.54
N ASP D 33 15.00 -6.36 15.28
CA ASP D 33 16.25 -7.01 15.69
C ASP D 33 17.32 -7.18 14.61
N LEU D 34 16.95 -7.74 13.46
CA LEU D 34 17.95 -7.90 12.40
C LEU D 34 18.18 -6.58 11.68
N GLY D 35 17.21 -5.67 11.76
CA GLY D 35 17.36 -4.38 11.10
C GLY D 35 17.60 -4.57 9.62
N MET D 36 16.64 -5.19 8.96
CA MET D 36 16.81 -5.44 7.54
C MET D 36 16.21 -4.41 6.64
N ASP D 37 17.09 -3.84 5.81
CA ASP D 37 16.72 -2.86 4.82
C ASP D 37 15.79 -3.75 3.97
N PRO D 38 15.41 -3.36 2.74
CA PRO D 38 14.51 -4.27 2.04
C PRO D 38 14.24 -5.66 2.67
N VAL D 39 13.12 -5.81 3.38
CA VAL D 39 12.81 -7.13 3.96
C VAL D 39 12.34 -8.03 2.84
N PRO D 40 13.15 -9.03 2.45
CA PRO D 40 12.70 -9.88 1.34
C PRO D 40 11.66 -10.90 1.79
N LEU D 41 10.62 -11.11 0.98
CA LEU D 41 9.60 -12.11 1.33
C LEU D 41 9.48 -13.00 0.09
N PRO D 42 10.42 -13.95 -0.12
CA PRO D 42 10.42 -14.84 -1.28
C PRO D 42 9.18 -15.68 -1.54
N ASN D 43 8.32 -15.88 -0.54
CA ASN D 43 7.15 -16.71 -0.78
C ASN D 43 5.80 -15.98 -0.78
N VAL D 44 5.85 -14.67 -0.93
CA VAL D 44 4.60 -13.95 -1.02
C VAL D 44 4.70 -13.04 -2.23
N ASN D 45 3.75 -13.15 -3.15
CA ASN D 45 3.81 -12.28 -4.33
C ASN D 45 3.20 -10.91 -4.04
N ALA D 46 3.38 -9.99 -4.97
CA ALA D 46 2.86 -8.65 -4.76
C ALA D 46 1.37 -8.57 -4.53
N ALA D 47 0.60 -9.30 -5.33
CA ALA D 47 -0.84 -9.20 -5.18
C ALA D 47 -1.30 -9.66 -3.81
N ILE D 48 -0.75 -10.76 -3.33
CA ILE D 48 -1.17 -11.21 -2.04
C ILE D 48 -0.57 -10.31 -0.94
N LEU D 49 0.69 -9.89 -1.10
CA LEU D 49 1.32 -9.03 -0.08
C LEU D 49 0.50 -7.72 0.11
N LYS D 50 -0.01 -7.18 -1.00
CA LYS D 50 -0.80 -5.95 -0.91
C LYS D 50 -2.03 -6.20 -0.05
N LYS D 51 -2.64 -7.36 -0.19
CA LYS D 51 -3.84 -7.69 0.58
C LYS D 51 -3.47 -7.95 2.03
N VAL D 52 -2.33 -8.62 2.24
CA VAL D 52 -1.91 -8.86 3.61
C VAL D 52 -1.65 -7.50 4.28
N ILE D 53 -0.95 -6.60 3.59
CA ILE D 53 -0.69 -5.26 4.14
C ILE D 53 -2.02 -4.53 4.43
N GLN D 54 -2.96 -4.57 3.49
CA GLN D 54 -4.28 -3.96 3.73
C GLN D 54 -4.88 -4.46 5.05
N TRP D 55 -4.91 -5.78 5.23
CA TRP D 55 -5.50 -6.39 6.43
C TRP D 55 -4.73 -5.88 7.65
N CYS D 56 -3.40 -5.98 7.61
CA CYS D 56 -2.57 -5.49 8.70
C CYS D 56 -2.82 -4.00 8.99
N THR D 57 -2.98 -3.18 7.96
CA THR D 57 -3.22 -1.78 8.13
C THR D 57 -4.54 -1.59 8.89
N HIS D 58 -5.60 -2.30 8.49
CA HIS D 58 -6.88 -2.16 9.18
C HIS D 58 -6.80 -2.66 10.60
N HIS D 59 -6.04 -3.74 10.81
CA HIS D 59 -5.92 -4.32 12.16
C HIS D 59 -4.80 -3.85 13.04
N LYS D 60 -4.11 -2.81 12.62
CA LYS D 60 -2.92 -2.32 13.33
C LYS D 60 -3.12 -1.96 14.77
N ASP D 61 -4.34 -1.52 15.07
CA ASP D 61 -4.70 -1.09 16.44
C ASP D 61 -5.22 -2.21 17.29
N ASP D 62 -5.37 -3.41 16.72
CA ASP D 62 -5.88 -4.51 17.50
C ASP D 62 -4.97 -4.84 18.66
N ASP D 78 -16.91 -14.54 16.37
CA ASP D 78 -17.65 -14.11 15.15
C ASP D 78 -16.78 -13.22 14.27
N ILE D 79 -16.82 -13.45 12.98
CA ILE D 79 -16.01 -12.68 12.04
C ILE D 79 -16.54 -11.27 11.90
N PRO D 80 -15.71 -10.26 12.21
CA PRO D 80 -16.11 -8.88 12.10
C PRO D 80 -16.58 -8.62 10.68
N VAL D 81 -17.60 -7.78 10.55
CA VAL D 81 -18.13 -7.45 9.25
C VAL D 81 -17.04 -6.97 8.26
N TRP D 82 -16.11 -6.14 8.74
CA TRP D 82 -15.06 -5.62 7.84
C TRP D 82 -14.26 -6.79 7.25
N ASP D 83 -13.88 -7.72 8.10
CA ASP D 83 -13.15 -8.91 7.61
C ASP D 83 -14.00 -9.74 6.67
N GLN D 84 -15.30 -9.87 6.95
CA GLN D 84 -16.11 -10.66 6.02
C GLN D 84 -16.08 -10.04 4.65
N GLU D 85 -16.16 -8.71 4.56
CA GLU D 85 -16.20 -8.09 3.27
C GLU D 85 -14.81 -8.16 2.67
N PHE D 86 -13.77 -7.93 3.49
CA PHE D 86 -12.39 -8.06 2.96
C PHE D 86 -12.17 -9.47 2.34
N LEU D 87 -12.72 -10.51 2.98
CA LEU D 87 -12.46 -11.87 2.54
C LEU D 87 -13.42 -12.32 1.47
N LYS D 88 -14.23 -11.43 0.96
CA LYS D 88 -15.13 -11.85 -0.12
C LYS D 88 -14.31 -11.79 -1.40
N VAL D 89 -13.43 -12.78 -1.56
CA VAL D 89 -12.53 -12.89 -2.68
C VAL D 89 -12.74 -14.28 -3.24
N ASP D 90 -12.09 -14.59 -4.36
CA ASP D 90 -12.34 -15.94 -4.84
C ASP D 90 -11.60 -16.93 -3.97
N GLN D 91 -12.02 -18.19 -4.07
CA GLN D 91 -11.41 -19.26 -3.28
C GLN D 91 -9.90 -19.33 -3.35
N GLY D 92 -9.33 -19.16 -4.55
CA GLY D 92 -7.87 -19.22 -4.68
C GLY D 92 -7.13 -18.15 -3.89
N THR D 93 -7.64 -16.92 -3.97
CA THR D 93 -7.04 -15.81 -3.24
C THR D 93 -7.14 -16.08 -1.74
N LEU D 94 -8.27 -16.67 -1.32
CA LEU D 94 -8.46 -16.99 0.10
C LEU D 94 -7.41 -18.02 0.54
N PHE D 95 -7.19 -19.04 -0.28
CA PHE D 95 -6.17 -20.01 0.11
C PHE D 95 -4.78 -19.37 0.09
N GLU D 96 -4.54 -18.43 -0.82
CA GLU D 96 -3.22 -17.79 -0.87
C GLU D 96 -3.04 -16.94 0.35
N LEU D 97 -4.14 -16.36 0.83
CA LEU D 97 -4.09 -15.54 2.02
C LEU D 97 -3.79 -16.39 3.24
N ILE D 98 -4.35 -17.59 3.27
CA ILE D 98 -4.09 -18.50 4.37
C ILE D 98 -2.61 -18.80 4.36
N LEU D 99 -2.08 -19.16 3.19
CA LEU D 99 -0.66 -19.45 3.07
C LEU D 99 0.24 -18.32 3.49
N ALA D 100 -0.10 -17.10 3.05
CA ALA D 100 0.71 -15.96 3.36
C ALA D 100 0.67 -15.65 4.84
N ALA D 101 -0.50 -15.81 5.44
CA ALA D 101 -0.67 -15.56 6.87
C ALA D 101 0.19 -16.57 7.63
N ASN D 102 0.18 -17.80 7.17
CA ASN D 102 0.97 -18.84 7.80
C ASN D 102 2.45 -18.51 7.62
N TYR D 103 2.84 -18.22 6.40
CA TYR D 103 4.26 -17.93 6.08
C TYR D 103 4.78 -16.79 6.89
N LEU D 104 3.96 -15.74 6.98
CA LEU D 104 4.40 -14.54 7.71
C LEU D 104 4.09 -14.59 9.21
N ASP D 105 3.42 -15.64 9.64
CA ASP D 105 2.99 -15.79 11.03
C ASP D 105 2.13 -14.60 11.49
N ILE D 106 1.01 -14.39 10.80
CA ILE D 106 0.08 -13.37 11.17
C ILE D 106 -1.16 -14.12 11.68
N LYS D 107 -1.12 -14.40 12.97
CA LYS D 107 -2.19 -15.16 13.63
C LYS D 107 -3.63 -14.72 13.41
N GLY D 108 -3.87 -13.40 13.49
CA GLY D 108 -5.22 -12.92 13.34
C GLY D 108 -5.74 -13.13 11.93
N LEU D 109 -4.84 -13.02 10.97
CA LEU D 109 -5.18 -13.20 9.59
C LEU D 109 -5.45 -14.65 9.33
N LEU D 110 -4.58 -15.49 9.86
CA LEU D 110 -4.71 -16.91 9.73
C LEU D 110 -6.06 -17.35 10.30
N ASP D 111 -6.40 -16.82 11.46
CA ASP D 111 -7.68 -17.18 12.13
C ASP D 111 -8.92 -16.81 11.33
N VAL D 112 -9.00 -15.57 10.93
CA VAL D 112 -10.18 -15.16 10.21
C VAL D 112 -10.31 -15.89 8.85
N THR D 113 -9.20 -16.15 8.19
CA THR D 113 -9.27 -16.81 6.92
C THR D 113 -9.63 -18.29 7.06
N CYS D 114 -9.12 -18.92 8.10
CA CYS D 114 -9.43 -20.31 8.30
C CYS D 114 -10.89 -20.40 8.71
N LYS D 115 -11.36 -19.47 9.54
CA LYS D 115 -12.78 -19.41 9.99
C LYS D 115 -13.69 -19.26 8.76
N THR D 116 -13.29 -18.40 7.83
CA THR D 116 -14.05 -18.18 6.62
C THR D 116 -14.22 -19.48 5.79
N VAL D 117 -13.15 -20.24 5.67
CA VAL D 117 -13.24 -21.48 4.93
C VAL D 117 -14.10 -22.44 5.74
N ALA D 118 -13.92 -22.45 7.07
CA ALA D 118 -14.72 -23.31 7.92
C ALA D 118 -16.23 -23.04 7.72
N ASN D 119 -16.57 -21.76 7.54
CA ASN D 119 -17.98 -21.41 7.33
C ASN D 119 -18.51 -21.95 6.01
N MET D 120 -17.62 -22.22 5.05
CA MET D 120 -18.04 -22.76 3.77
C MET D 120 -18.29 -24.26 3.89
N ILE D 121 -17.91 -24.82 5.03
CA ILE D 121 -18.07 -26.25 5.30
C ILE D 121 -19.30 -26.53 6.16
N LYS D 122 -19.51 -25.67 7.15
CA LYS D 122 -20.66 -25.77 8.07
C LYS D 122 -21.97 -26.03 7.35
N GLY D 123 -22.85 -26.80 7.98
CA GLY D 123 -24.15 -27.08 7.40
C GLY D 123 -24.19 -27.61 5.98
N LYS D 124 -23.16 -28.32 5.56
CA LYS D 124 -23.16 -28.87 4.22
C LYS D 124 -22.80 -30.34 4.25
N THR D 125 -23.25 -31.06 3.24
CA THR D 125 -22.99 -32.48 3.14
C THR D 125 -21.61 -32.62 2.54
N PRO D 126 -20.97 -33.78 2.77
CA PRO D 126 -19.64 -34.06 2.24
C PRO D 126 -19.70 -33.86 0.74
N GLU D 127 -20.83 -34.25 0.15
CA GLU D 127 -21.04 -34.12 -1.28
C GLU D 127 -21.05 -32.65 -1.70
N GLU D 128 -21.70 -31.79 -0.91
CA GLU D 128 -21.73 -30.35 -1.26
C GLU D 128 -20.34 -29.73 -1.07
N ILE D 129 -19.61 -30.24 -0.08
CA ILE D 129 -18.27 -29.76 0.20
C ILE D 129 -17.32 -30.09 -0.96
N ARG D 130 -17.39 -31.31 -1.47
CA ARG D 130 -16.54 -31.71 -2.57
C ARG D 130 -16.74 -30.78 -3.74
N LYS D 131 -18.00 -30.48 -4.00
CA LYS D 131 -18.38 -29.60 -5.10
C LYS D 131 -17.78 -28.21 -5.03
N THR D 132 -18.04 -27.51 -3.93
CA THR D 132 -17.55 -26.15 -3.78
C THR D 132 -16.04 -26.02 -3.80
N PHE D 133 -15.34 -26.99 -3.22
CA PHE D 133 -13.88 -26.93 -3.19
C PHE D 133 -13.20 -27.80 -4.25
N ASN D 134 -13.97 -28.60 -4.97
CA ASN D 134 -13.42 -29.45 -6.01
C ASN D 134 -12.52 -30.52 -5.38
#